data_4MUG
#
_entry.id   4MUG
#
_cell.length_a   48.270
_cell.length_b   70.880
_cell.length_c   81.590
_cell.angle_alpha   90.00
_cell.angle_beta   99.11
_cell.angle_gamma   90.00
#
_symmetry.space_group_name_H-M   'P 1 21 1'
#
loop_
_entity.id
_entity.type
_entity.pdbx_description
1 polymer 'Pantothenate synthetase'
2 non-polymer ETHANOL
3 non-polymer 1,2-ETHANEDIOL
4 non-polymer '{5-methoxy-2-[(morpholin-4-ylsulfonyl)carbamoyl]-1H-indol-1-yl}acetic acid'
5 non-polymer GLYCEROL
6 water water
#
_entity_poly.entity_id   1
_entity_poly.type   'polypeptide(L)'
_entity_poly.pdbx_seq_one_letter_code
;MAIPAFHPGELNVYSAPGDVADVSRALRLTGRRVMLVPTMGALHEGHLALVRAAKRVPGSVVVVSIFVNPMQFGAGGDLD
AYPRTPDDDLAQLRAEGVEIAFTPTTAAMYPDGLRTTVQPGPLAAELEGGPRPTHFAGVLTVVLKLLQIVRPDRVFFGEK
DYQQLVLIRQLVADFNLDVAVVGVPTVREADGLAMSSRNRYLDPAQRAAAVALSAALTAAAHAATAGAQAALDAARAVLD
AAPGVAVDYLELRDIGLGPMPLNGSGRLLVAARLGTTRLLDNIAIEIGTFAGTDRPDGYR
;
_entity_poly.pdbx_strand_id   A,B
#
# COMPACT_ATOMS: atom_id res chain seq x y z
N ILE A 3 -14.71 -14.69 14.15
CA ILE A 3 -15.82 -14.90 13.16
C ILE A 3 -17.19 -14.53 13.79
N PRO A 4 -17.83 -13.46 13.25
CA PRO A 4 -19.25 -13.16 13.55
C PRO A 4 -20.11 -14.18 12.82
N ALA A 5 -21.43 -14.06 12.87
CA ALA A 5 -22.26 -15.02 12.14
C ALA A 5 -22.10 -14.84 10.61
N PHE A 6 -22.12 -15.94 9.87
CA PHE A 6 -22.31 -15.96 8.44
C PHE A 6 -23.39 -16.96 8.05
N HIS A 7 -24.48 -16.46 7.51
CA HIS A 7 -25.61 -17.27 7.04
C HIS A 7 -25.54 -17.43 5.53
N PRO A 8 -25.26 -18.65 5.03
CA PRO A 8 -25.08 -18.74 3.58
C PRO A 8 -26.38 -18.68 2.80
N GLY A 9 -26.28 -18.27 1.54
CA GLY A 9 -27.45 -17.94 0.73
C GLY A 9 -28.35 -16.82 1.25
N GLU A 10 -27.85 -16.00 2.18
CA GLU A 10 -28.56 -14.77 2.64
C GLU A 10 -27.57 -13.61 2.45
N LEU A 11 -28.07 -12.39 2.48
CA LEU A 11 -27.14 -11.25 2.46
C LEU A 11 -26.70 -10.98 3.89
N ASN A 12 -25.38 -11.08 4.14
CA ASN A 12 -24.78 -10.79 5.41
C ASN A 12 -24.10 -9.44 5.33
N VAL A 13 -24.47 -8.52 6.21
CA VAL A 13 -23.88 -7.15 6.10
C VAL A 13 -22.96 -6.95 7.28
N TYR A 14 -21.70 -6.55 7.06
CA TYR A 14 -20.72 -6.33 8.08
C TYR A 14 -20.21 -4.94 7.98
N SER A 15 -20.17 -4.21 9.08
N SER A 15 -20.17 -4.21 9.10
CA SER A 15 -19.51 -2.90 9.03
CA SER A 15 -19.59 -2.86 9.11
C SER A 15 -18.03 -2.99 9.47
C SER A 15 -18.13 -2.82 9.66
N ALA A 16 -17.73 -3.76 10.49
CA ALA A 16 -16.44 -3.74 11.10
C ALA A 16 -15.47 -4.42 10.19
N PRO A 17 -14.34 -3.76 9.86
CA PRO A 17 -13.28 -4.38 8.98
C PRO A 17 -12.89 -5.74 9.56
N GLY A 18 -12.79 -5.86 10.91
CA GLY A 18 -12.38 -7.19 11.48
C GLY A 18 -13.42 -8.32 11.30
N ASP A 19 -14.71 -7.97 11.20
CA ASP A 19 -15.74 -8.98 10.92
C ASP A 19 -15.63 -9.51 9.52
N VAL A 20 -15.44 -8.63 8.51
CA VAL A 20 -15.41 -9.13 7.15
C VAL A 20 -14.10 -9.86 6.94
N ALA A 21 -13.00 -9.34 7.50
CA ALA A 21 -11.71 -10.03 7.39
C ALA A 21 -11.81 -11.47 7.93
N ASP A 22 -12.40 -11.61 9.11
CA ASP A 22 -12.52 -12.96 9.71
C ASP A 22 -13.43 -13.94 8.88
N VAL A 23 -14.55 -13.46 8.37
CA VAL A 23 -15.45 -14.24 7.59
C VAL A 23 -14.80 -14.62 6.27
N SER A 24 -14.18 -13.66 5.59
CA SER A 24 -13.44 -13.96 4.36
C SER A 24 -12.38 -15.02 4.60
N ARG A 25 -11.59 -14.89 5.66
CA ARG A 25 -10.42 -15.80 5.82
C ARG A 25 -10.97 -17.20 6.12
N ALA A 26 -12.01 -17.22 6.91
CA ALA A 26 -12.66 -18.48 7.24
C ALA A 26 -13.23 -19.16 5.98
N LEU A 27 -13.92 -18.39 5.10
CA LEU A 27 -14.43 -18.94 3.87
C LEU A 27 -13.30 -19.44 2.94
N ARG A 28 -12.21 -18.65 2.83
CA ARG A 28 -11.05 -19.01 2.00
C ARG A 28 -10.42 -20.33 2.46
N LEU A 29 -10.36 -20.51 3.76
CA LEU A 29 -9.77 -21.73 4.37
C LEU A 29 -10.72 -22.94 4.20
N THR A 30 -11.99 -22.73 3.87
CA THR A 30 -12.87 -23.86 3.59
C THR A 30 -13.02 -24.06 2.09
N GLY A 31 -12.15 -23.43 1.30
CA GLY A 31 -12.22 -23.66 -0.14
C GLY A 31 -12.97 -22.68 -1.06
N ARG A 32 -13.72 -21.72 -0.48
CA ARG A 32 -14.47 -20.80 -1.32
C ARG A 32 -13.43 -19.76 -1.90
N ARG A 33 -13.52 -19.38 -3.17
CA ARG A 33 -12.74 -18.24 -3.66
C ARG A 33 -13.47 -16.92 -3.44
N VAL A 34 -12.75 -15.99 -2.86
CA VAL A 34 -13.47 -14.76 -2.37
C VAL A 34 -13.30 -13.73 -3.51
N MET A 35 -14.40 -13.14 -3.96
CA MET A 35 -14.40 -12.18 -5.08
C MET A 35 -14.87 -10.86 -4.49
N LEU A 36 -14.11 -9.79 -4.78
CA LEU A 36 -14.52 -8.46 -4.22
C LEU A 36 -14.95 -7.55 -5.33
N VAL A 37 -16.09 -6.90 -5.14
CA VAL A 37 -16.61 -5.87 -6.02
C VAL A 37 -16.65 -4.55 -5.25
N PRO A 38 -15.65 -3.70 -5.40
CA PRO A 38 -15.71 -2.50 -4.57
C PRO A 38 -16.48 -1.40 -5.24
N THR A 39 -17.34 -0.77 -4.48
CA THR A 39 -18.27 0.24 -5.04
C THR A 39 -18.34 1.42 -4.07
N MET A 40 -18.89 2.52 -4.59
CA MET A 40 -19.25 3.66 -3.70
C MET A 40 -20.77 3.75 -3.59
N GLY A 41 -21.45 2.59 -3.72
CA GLY A 41 -22.95 2.64 -3.56
C GLY A 41 -23.61 3.24 -4.78
N ALA A 42 -24.87 3.65 -4.61
CA ALA A 42 -25.65 4.15 -5.72
C ALA A 42 -25.64 3.16 -6.91
N LEU A 43 -26.00 1.91 -6.59
CA LEU A 43 -25.72 0.80 -7.55
C LEU A 43 -26.64 0.82 -8.76
N HIS A 44 -26.08 0.57 -9.91
CA HIS A 44 -26.76 0.46 -11.16
C HIS A 44 -26.43 -0.88 -11.88
N GLU A 45 -26.97 -1.04 -13.09
CA GLU A 45 -26.82 -2.27 -13.80
C GLU A 45 -25.38 -2.60 -14.13
N GLY A 46 -24.59 -1.54 -14.27
CA GLY A 46 -23.15 -1.82 -14.43
C GLY A 46 -22.50 -2.48 -13.24
N HIS A 47 -22.77 -1.98 -12.03
CA HIS A 47 -22.36 -2.73 -10.82
C HIS A 47 -22.89 -4.20 -10.79
N LEU A 48 -24.14 -4.41 -11.24
CA LEU A 48 -24.68 -5.76 -11.18
C LEU A 48 -23.99 -6.64 -12.21
N ALA A 49 -23.51 -6.07 -13.31
CA ALA A 49 -22.68 -6.89 -14.23
C ALA A 49 -21.39 -7.28 -13.50
N LEU A 50 -20.81 -6.40 -12.66
CA LEU A 50 -19.62 -6.80 -11.92
C LEU A 50 -19.93 -7.98 -11.00
N VAL A 51 -21.04 -7.84 -10.28
CA VAL A 51 -21.43 -8.89 -9.43
C VAL A 51 -21.65 -10.23 -10.18
N ARG A 52 -22.40 -10.18 -11.30
CA ARG A 52 -22.65 -11.39 -12.06
C ARG A 52 -21.35 -12.01 -12.54
N ALA A 53 -20.39 -11.18 -12.97
CA ALA A 53 -19.03 -11.71 -13.34
C ALA A 53 -18.32 -12.44 -12.22
N ALA A 54 -18.40 -11.91 -11.00
CA ALA A 54 -17.84 -12.48 -9.83
C ALA A 54 -18.58 -13.78 -9.47
N LYS A 55 -19.92 -13.77 -9.65
CA LYS A 55 -20.70 -14.95 -9.24
C LYS A 55 -20.44 -16.15 -10.10
N ARG A 56 -20.09 -15.92 -11.36
CA ARG A 56 -19.71 -16.96 -12.35
C ARG A 56 -18.38 -17.68 -12.05
N VAL A 57 -17.55 -17.15 -11.16
CA VAL A 57 -16.28 -17.83 -10.81
C VAL A 57 -16.65 -19.05 -9.98
N PRO A 58 -16.29 -20.25 -10.49
CA PRO A 58 -16.79 -21.38 -9.69
C PRO A 58 -16.36 -21.39 -8.23
N GLY A 59 -17.31 -21.69 -7.36
CA GLY A 59 -17.09 -21.78 -5.92
C GLY A 59 -16.98 -20.42 -5.24
N SER A 60 -17.26 -19.35 -5.99
CA SER A 60 -17.03 -17.96 -5.51
C SER A 60 -17.90 -17.70 -4.26
N VAL A 61 -17.40 -16.80 -3.40
CA VAL A 61 -18.32 -16.07 -2.48
C VAL A 61 -18.07 -14.59 -2.87
N VAL A 62 -19.16 -13.83 -3.02
CA VAL A 62 -18.98 -12.43 -3.51
C VAL A 62 -19.13 -11.46 -2.37
N VAL A 63 -18.10 -10.60 -2.22
CA VAL A 63 -18.13 -9.52 -1.25
C VAL A 63 -18.28 -8.22 -2.04
N VAL A 64 -19.40 -7.49 -1.79
CA VAL A 64 -19.52 -6.17 -2.45
C VAL A 64 -19.25 -5.14 -1.37
N SER A 65 -18.21 -4.30 -1.50
CA SER A 65 -17.98 -3.23 -0.53
C SER A 65 -18.78 -1.97 -1.00
N ILE A 66 -19.35 -1.23 -0.04
CA ILE A 66 -20.03 0.03 -0.32
C ILE A 66 -19.38 1.01 0.67
N PHE A 67 -18.77 2.06 0.18
CA PHE A 67 -18.05 2.99 1.04
C PHE A 67 -17.74 4.21 0.17
N VAL A 68 -18.34 5.37 0.50
CA VAL A 68 -18.10 6.61 -0.22
C VAL A 68 -16.81 7.14 0.39
N ASN A 69 -15.76 7.00 -0.36
CA ASN A 69 -14.44 7.28 0.25
C ASN A 69 -14.07 8.71 0.33
N PRO A 70 -14.03 9.27 1.52
CA PRO A 70 -13.73 10.74 1.55
C PRO A 70 -12.38 11.21 0.93
N MET A 71 -11.38 10.29 0.83
CA MET A 71 -10.03 10.71 0.55
C MET A 71 -9.90 10.96 -0.93
N GLN A 72 -10.83 10.47 -1.73
CA GLN A 72 -10.71 10.71 -3.18
C GLN A 72 -11.53 11.94 -3.63
N PHE A 73 -12.17 12.63 -2.70
CA PHE A 73 -12.90 13.87 -3.06
C PHE A 73 -12.13 15.10 -2.66
N GLY A 74 -12.00 16.02 -3.63
CA GLY A 74 -11.29 17.27 -3.42
C GLY A 74 -11.77 18.06 -2.22
N ALA A 75 -13.07 18.38 -2.21
CA ALA A 75 -13.71 19.40 -1.34
C ALA A 75 -14.18 20.55 -2.24
N GLY A 76 -15.35 21.08 -1.91
CA GLY A 76 -16.09 21.90 -2.86
C GLY A 76 -17.47 21.25 -3.00
N GLY A 77 -17.90 20.57 -1.92
CA GLY A 77 -19.24 19.97 -1.80
C GLY A 77 -19.46 18.59 -2.43
N ASP A 78 -18.41 18.07 -3.07
CA ASP A 78 -18.50 16.93 -3.95
C ASP A 78 -18.80 15.68 -3.10
N LEU A 79 -18.11 15.60 -1.97
CA LEU A 79 -18.39 14.45 -1.06
C LEU A 79 -19.79 14.43 -0.55
N ASP A 80 -20.25 15.59 -0.12
CA ASP A 80 -21.61 15.62 0.39
C ASP A 80 -22.67 15.35 -0.65
N ALA A 81 -22.39 15.70 -1.90
CA ALA A 81 -23.40 15.55 -2.97
C ALA A 81 -23.41 14.17 -3.62
N TYR A 82 -22.34 13.39 -3.40
CA TYR A 82 -22.40 12.03 -3.95
C TYR A 82 -23.73 11.26 -3.61
N PRO A 83 -24.34 10.60 -4.60
CA PRO A 83 -25.66 9.94 -4.37
C PRO A 83 -25.53 8.80 -3.38
N ARG A 84 -26.40 8.75 -2.39
CA ARG A 84 -26.41 7.69 -1.40
C ARG A 84 -27.79 7.11 -1.48
N THR A 85 -27.88 5.81 -1.77
CA THR A 85 -29.15 5.14 -1.98
C THR A 85 -29.04 3.77 -1.27
N PRO A 86 -28.82 3.80 0.06
CA PRO A 86 -28.45 2.58 0.81
C PRO A 86 -29.52 1.47 0.69
N ASP A 87 -30.78 1.88 0.76
CA ASP A 87 -31.84 0.86 0.76
C ASP A 87 -31.97 0.16 -0.59
N ASP A 88 -31.88 0.90 -1.67
CA ASP A 88 -31.98 0.32 -2.98
C ASP A 88 -30.72 -0.52 -3.18
N ASP A 89 -29.57 -0.01 -2.72
CA ASP A 89 -28.32 -0.83 -2.95
C ASP A 89 -28.41 -2.24 -2.35
N LEU A 90 -28.74 -2.30 -1.07
CA LEU A 90 -28.91 -3.62 -0.42
C LEU A 90 -30.06 -4.48 -1.02
N ALA A 91 -31.14 -3.88 -1.40
CA ALA A 91 -32.17 -4.64 -2.17
C ALA A 91 -31.64 -5.26 -3.45
N GLN A 92 -30.88 -4.48 -4.18
CA GLN A 92 -30.29 -5.06 -5.34
C GLN A 92 -29.36 -6.21 -5.04
N LEU A 93 -28.48 -6.09 -4.02
CA LEU A 93 -27.53 -7.16 -3.74
C LEU A 93 -28.26 -8.43 -3.30
N ARG A 94 -29.34 -8.23 -2.51
CA ARG A 94 -30.16 -9.45 -2.10
C ARG A 94 -30.72 -10.11 -3.35
N ALA A 95 -31.22 -9.31 -4.31
CA ALA A 95 -31.86 -9.86 -5.51
C ALA A 95 -30.85 -10.61 -6.38
N GLU A 96 -29.58 -10.21 -6.28
CA GLU A 96 -28.54 -10.89 -7.06
C GLU A 96 -27.93 -12.08 -6.33
N GLY A 97 -28.29 -12.34 -5.10
CA GLY A 97 -27.78 -13.50 -4.43
C GLY A 97 -26.44 -13.25 -3.76
N VAL A 98 -26.08 -11.95 -3.64
CA VAL A 98 -24.83 -11.64 -2.98
C VAL A 98 -24.86 -12.08 -1.54
N GLU A 99 -23.81 -12.77 -1.12
CA GLU A 99 -23.74 -13.15 0.28
C GLU A 99 -23.13 -12.22 1.31
N ILE A 100 -22.24 -11.31 0.87
CA ILE A 100 -21.58 -10.41 1.83
C ILE A 100 -21.55 -8.99 1.29
N ALA A 101 -22.09 -8.07 2.13
CA ALA A 101 -21.92 -6.64 1.81
C ALA A 101 -21.04 -6.14 2.94
N PHE A 102 -20.05 -5.31 2.60
CA PHE A 102 -19.18 -4.73 3.55
C PHE A 102 -19.32 -3.20 3.49
N THR A 103 -19.83 -2.68 4.60
CA THR A 103 -20.28 -1.29 4.66
C THR A 103 -19.57 -0.54 5.78
N PRO A 104 -18.28 -0.30 5.69
CA PRO A 104 -17.50 0.29 6.76
C PRO A 104 -17.89 1.79 7.00
N THR A 105 -17.74 2.18 8.27
CA THR A 105 -17.84 3.61 8.62
C THR A 105 -16.53 4.34 8.26
N THR A 106 -16.62 5.65 8.18
CA THR A 106 -15.44 6.43 7.89
C THR A 106 -14.43 6.32 9.01
N ALA A 107 -14.86 6.25 10.28
CA ALA A 107 -14.01 6.08 11.41
C ALA A 107 -13.28 4.73 11.43
N ALA A 108 -13.94 3.65 10.93
CA ALA A 108 -13.29 2.32 10.92
C ALA A 108 -12.24 2.31 9.83
N MET A 109 -12.44 3.12 8.79
CA MET A 109 -11.47 3.03 7.65
C MET A 109 -10.30 4.01 7.92
N TYR A 110 -10.56 5.14 8.59
CA TYR A 110 -9.56 6.21 8.81
C TYR A 110 -9.55 6.65 10.33
N PRO A 111 -9.31 5.72 11.25
CA PRO A 111 -9.27 6.07 12.61
C PRO A 111 -8.15 7.04 12.96
N ASP A 112 -7.08 7.13 12.12
CA ASP A 112 -5.99 8.07 12.44
C ASP A 112 -5.97 9.18 11.40
N GLY A 113 -7.06 9.37 10.66
CA GLY A 113 -7.04 10.34 9.58
C GLY A 113 -6.16 9.94 8.45
N LEU A 114 -5.68 10.91 7.70
CA LEU A 114 -4.84 10.56 6.60
C LEU A 114 -3.43 10.52 7.10
N ARG A 115 -2.78 9.37 6.93
CA ARG A 115 -1.46 9.22 7.51
C ARG A 115 -0.60 8.50 6.44
N THR A 116 -0.35 7.21 6.51
CA THR A 116 0.34 6.59 5.35
C THR A 116 -0.65 6.54 4.19
N THR A 117 -0.16 6.85 3.00
CA THR A 117 -1.04 6.80 1.82
C THR A 117 -0.26 6.25 0.64
N VAL A 118 -1.01 5.87 -0.37
CA VAL A 118 -0.43 5.43 -1.67
C VAL A 118 -0.15 6.67 -2.51
N GLN A 119 1.10 6.68 -3.01
CA GLN A 119 1.42 7.73 -3.96
C GLN A 119 1.47 7.06 -5.39
N PRO A 120 0.46 7.27 -6.27
CA PRO A 120 0.48 6.62 -7.61
C PRO A 120 1.69 7.16 -8.41
N GLY A 121 2.00 6.43 -9.48
CA GLY A 121 2.95 6.93 -10.51
C GLY A 121 2.38 8.11 -11.28
N PRO A 122 3.17 8.61 -12.29
CA PRO A 122 2.93 9.83 -13.02
C PRO A 122 1.54 9.83 -13.74
N LEU A 123 0.99 8.63 -14.01
CA LEU A 123 -0.31 8.55 -14.72
C LEU A 123 -1.39 9.29 -13.92
N ALA A 124 -1.22 9.30 -12.60
CA ALA A 124 -2.23 10.01 -11.75
C ALA A 124 -2.32 11.48 -11.92
N ALA A 125 -1.30 12.06 -12.57
CA ALA A 125 -1.32 13.51 -12.78
C ALA A 125 -1.85 13.89 -14.17
N GLU A 126 -2.26 12.87 -14.96
CA GLU A 126 -2.68 13.07 -16.38
C GLU A 126 -4.23 13.02 -16.37
N LEU A 127 -4.85 13.51 -17.44
CA LEU A 127 -6.30 13.21 -17.69
C LEU A 127 -7.14 13.61 -16.46
N GLU A 128 -7.83 12.65 -15.81
CA GLU A 128 -8.74 13.03 -14.72
C GLU A 128 -7.95 13.64 -13.56
N GLY A 129 -6.69 13.26 -13.41
CA GLY A 129 -5.91 13.73 -12.26
C GLY A 129 -5.21 15.09 -12.50
N GLY A 130 -5.21 15.63 -13.77
CA GLY A 130 -4.53 16.93 -14.00
C GLY A 130 -5.06 18.00 -13.05
N PRO A 131 -6.36 18.22 -13.02
CA PRO A 131 -6.93 19.24 -12.14
C PRO A 131 -7.22 18.77 -10.72
N ARG A 132 -6.98 17.47 -10.45
CA ARG A 132 -7.39 16.84 -9.19
C ARG A 132 -6.22 16.01 -8.68
N PRO A 133 -5.17 16.69 -8.24
CA PRO A 133 -3.88 16.05 -8.13
C PRO A 133 -3.82 14.98 -7.08
N THR A 134 -4.73 15.01 -6.11
CA THR A 134 -4.71 13.99 -5.06
C THR A 134 -5.83 12.94 -5.18
N HIS A 135 -6.59 13.02 -6.25
CA HIS A 135 -7.74 12.15 -6.44
C HIS A 135 -7.34 10.67 -6.44
N PHE A 136 -6.36 10.35 -7.26
CA PHE A 136 -6.08 8.93 -7.43
C PHE A 136 -5.29 8.32 -6.25
N ALA A 137 -4.49 9.13 -5.55
CA ALA A 137 -3.99 8.73 -4.24
C ALA A 137 -5.09 8.27 -3.30
N GLY A 138 -6.21 9.00 -3.30
CA GLY A 138 -7.40 8.61 -2.44
C GLY A 138 -7.97 7.34 -2.92
N VAL A 139 -8.05 7.17 -4.25
CA VAL A 139 -8.65 5.92 -4.78
C VAL A 139 -7.73 4.74 -4.45
N LEU A 140 -6.46 4.87 -4.77
CA LEU A 140 -5.62 3.72 -4.60
C LEU A 140 -5.36 3.34 -3.11
N THR A 141 -5.40 4.35 -2.23
CA THR A 141 -5.31 4.08 -0.79
C THR A 141 -6.50 3.27 -0.31
N VAL A 142 -7.70 3.75 -0.68
CA VAL A 142 -8.83 2.93 -0.27
C VAL A 142 -8.87 1.55 -0.89
N VAL A 143 -8.50 1.42 -2.19
CA VAL A 143 -8.61 0.12 -2.77
C VAL A 143 -7.52 -0.81 -2.16
N LEU A 144 -6.36 -0.28 -1.81
CA LEU A 144 -5.45 -1.11 -1.08
C LEU A 144 -5.94 -1.61 0.27
N LYS A 145 -6.58 -0.68 0.98
CA LYS A 145 -7.08 -1.14 2.28
C LYS A 145 -8.13 -2.17 2.05
N LEU A 146 -9.07 -1.96 1.14
CA LEU A 146 -10.10 -2.97 0.92
C LEU A 146 -9.52 -4.35 0.51
N LEU A 147 -8.45 -4.35 -0.30
CA LEU A 147 -7.78 -5.55 -0.77
C LEU A 147 -7.19 -6.24 0.46
N GLN A 148 -6.58 -5.47 1.38
CA GLN A 148 -6.06 -6.06 2.64
C GLN A 148 -7.03 -6.58 3.61
N ILE A 149 -8.16 -5.86 3.71
CA ILE A 149 -9.09 -6.29 4.69
C ILE A 149 -9.75 -7.54 4.16
N VAL A 150 -10.11 -7.58 2.87
CA VAL A 150 -10.98 -8.71 2.37
C VAL A 150 -10.09 -9.84 1.83
N ARG A 151 -8.88 -9.54 1.37
CA ARG A 151 -7.96 -10.50 0.78
C ARG A 151 -8.72 -11.38 -0.23
N PRO A 152 -9.35 -10.77 -1.26
CA PRO A 152 -9.98 -11.53 -2.33
C PRO A 152 -9.02 -12.26 -3.25
N ASP A 153 -9.50 -13.30 -3.91
CA ASP A 153 -8.73 -13.88 -5.01
C ASP A 153 -8.76 -13.04 -6.27
N ARG A 154 -9.89 -12.38 -6.54
CA ARG A 154 -10.06 -11.57 -7.73
C ARG A 154 -10.86 -10.37 -7.31
N VAL A 155 -10.50 -9.28 -7.96
CA VAL A 155 -11.29 -7.98 -7.68
C VAL A 155 -11.74 -7.43 -9.04
N PHE A 156 -13.02 -6.96 -9.05
CA PHE A 156 -13.70 -6.63 -10.30
C PHE A 156 -14.06 -5.14 -10.42
N PHE A 157 -13.71 -4.53 -11.55
CA PHE A 157 -13.95 -3.13 -11.82
C PHE A 157 -14.54 -2.96 -13.18
N GLY A 158 -15.39 -1.94 -13.38
CA GLY A 158 -15.78 -1.62 -14.75
C GLY A 158 -14.71 -0.91 -15.56
N GLU A 159 -14.83 -1.02 -16.85
CA GLU A 159 -13.87 -0.32 -17.72
C GLU A 159 -14.23 1.12 -17.96
N LYS A 160 -15.42 1.60 -17.54
CA LYS A 160 -15.78 2.98 -17.84
C LYS A 160 -14.74 4.01 -17.28
N ASP A 161 -14.29 3.78 -16.07
CA ASP A 161 -13.23 4.61 -15.46
C ASP A 161 -11.94 3.88 -15.71
N TYR A 162 -11.52 4.06 -17.00
CA TYR A 162 -10.46 3.24 -17.46
C TYR A 162 -9.15 3.69 -16.84
N GLN A 163 -8.94 5.01 -16.71
CA GLN A 163 -7.67 5.43 -16.07
C GLN A 163 -7.57 4.86 -14.64
N GLN A 164 -8.66 4.91 -13.91
CA GLN A 164 -8.70 4.30 -12.58
C GLN A 164 -8.27 2.81 -12.64
N LEU A 165 -8.87 2.07 -13.59
CA LEU A 165 -8.50 0.65 -13.76
C LEU A 165 -7.04 0.41 -14.01
N VAL A 166 -6.49 1.22 -14.95
CA VAL A 166 -5.02 1.07 -15.25
C VAL A 166 -4.21 1.39 -14.01
N LEU A 167 -4.63 2.38 -13.22
CA LEU A 167 -3.82 2.71 -12.00
C LEU A 167 -3.95 1.60 -10.92
N ILE A 168 -5.09 0.94 -10.90
CA ILE A 168 -5.30 -0.16 -9.94
C ILE A 168 -4.41 -1.37 -10.40
N ARG A 169 -4.27 -1.61 -11.73
CA ARG A 169 -3.35 -2.67 -12.14
C ARG A 169 -1.95 -2.27 -11.74
N GLN A 170 -1.70 -0.98 -11.87
CA GLN A 170 -0.33 -0.52 -11.44
C GLN A 170 -0.12 -0.80 -9.97
N LEU A 171 -1.04 -0.42 -9.12
CA LEU A 171 -0.95 -0.71 -7.69
C LEU A 171 -0.68 -2.21 -7.43
N VAL A 172 -1.47 -3.07 -8.07
CA VAL A 172 -1.35 -4.48 -7.91
C VAL A 172 0.03 -5.03 -8.29
N ALA A 173 0.54 -4.51 -9.45
CA ALA A 173 1.83 -5.04 -9.91
C ALA A 173 2.86 -4.47 -8.98
N ASP A 174 2.80 -3.19 -8.67
CA ASP A 174 3.96 -2.44 -8.08
C ASP A 174 4.13 -2.80 -6.59
N PHE A 175 3.01 -3.16 -5.92
CA PHE A 175 3.15 -3.63 -4.56
C PHE A 175 2.99 -5.16 -4.42
N ASN A 176 3.07 -5.90 -5.52
CA ASN A 176 3.13 -7.39 -5.51
C ASN A 176 1.92 -7.98 -4.85
N LEU A 177 0.75 -7.30 -5.06
CA LEU A 177 -0.44 -7.86 -4.45
C LEU A 177 -0.88 -9.14 -5.09
N ASP A 178 -1.36 -10.07 -4.20
CA ASP A 178 -1.75 -11.42 -4.66
C ASP A 178 -3.25 -11.47 -4.95
N VAL A 179 -3.63 -10.71 -5.93
CA VAL A 179 -5.03 -10.64 -6.42
C VAL A 179 -5.00 -10.50 -7.90
N ALA A 180 -6.00 -11.05 -8.56
CA ALA A 180 -6.21 -10.84 -10.00
C ALA A 180 -7.23 -9.70 -10.18
N VAL A 181 -6.88 -8.77 -11.07
CA VAL A 181 -7.78 -7.64 -11.37
C VAL A 181 -8.52 -7.98 -12.64
N VAL A 182 -9.87 -7.97 -12.57
CA VAL A 182 -10.76 -8.28 -13.66
C VAL A 182 -11.51 -7.06 -14.14
N GLY A 183 -11.31 -6.60 -15.38
CA GLY A 183 -11.97 -5.47 -15.93
C GLY A 183 -13.16 -5.99 -16.70
N VAL A 184 -14.32 -5.37 -16.47
CA VAL A 184 -15.55 -5.81 -17.11
C VAL A 184 -16.03 -4.68 -18.05
N PRO A 185 -16.39 -5.01 -19.31
CA PRO A 185 -16.80 -3.98 -20.24
C PRO A 185 -18.05 -3.23 -19.76
N THR A 186 -17.99 -1.95 -20.04
CA THR A 186 -19.00 -0.97 -19.57
C THR A 186 -20.39 -1.38 -20.04
N VAL A 187 -21.29 -1.43 -19.05
CA VAL A 187 -22.71 -1.59 -19.39
C VAL A 187 -23.29 -0.27 -19.89
N ARG A 188 -24.18 -0.33 -20.90
CA ARG A 188 -24.67 0.92 -21.56
C ARG A 188 -26.19 0.91 -21.68
N GLU A 189 -26.74 2.12 -21.63
CA GLU A 189 -28.15 2.24 -21.93
C GLU A 189 -28.36 1.84 -23.40
N ALA A 190 -29.64 1.69 -23.77
CA ALA A 190 -29.96 1.22 -25.11
C ALA A 190 -29.44 2.09 -26.26
N ASP A 191 -29.29 3.41 -26.02
CA ASP A 191 -28.74 4.34 -27.00
C ASP A 191 -27.25 4.37 -27.00
N GLY A 192 -26.67 3.66 -26.06
CA GLY A 192 -25.20 3.67 -25.93
C GLY A 192 -24.61 4.40 -24.73
N LEU A 193 -25.40 5.23 -24.00
CA LEU A 193 -24.87 6.02 -22.89
C LEU A 193 -24.28 5.12 -21.81
N ALA A 194 -23.01 5.29 -21.45
CA ALA A 194 -22.42 4.52 -20.38
C ALA A 194 -23.20 4.66 -19.08
N MET A 195 -23.45 3.53 -18.41
N MET A 195 -23.53 3.54 -18.46
CA MET A 195 -23.96 3.61 -17.03
CA MET A 195 -24.15 3.67 -17.12
C MET A 195 -23.14 4.47 -16.13
C MET A 195 -23.25 4.34 -16.13
N SER A 196 -23.81 5.18 -15.22
CA SER A 196 -23.04 5.94 -14.25
C SER A 196 -23.99 6.36 -13.13
N SER A 197 -23.64 6.28 -11.87
N SER A 197 -23.36 6.48 -11.96
CA SER A 197 -24.70 6.90 -11.01
CA SER A 197 -24.15 6.93 -10.79
C SER A 197 -24.50 8.48 -10.88
C SER A 197 -24.53 8.38 -10.99
N ARG A 198 -23.79 9.07 -11.85
CA ARG A 198 -23.98 10.48 -12.15
C ARG A 198 -25.04 10.81 -13.26
N ASN A 199 -25.50 9.79 -13.99
CA ASN A 199 -26.47 9.97 -15.05
C ASN A 199 -27.82 10.59 -14.52
N ARG A 200 -28.11 10.29 -13.24
CA ARG A 200 -29.26 10.91 -12.59
C ARG A 200 -29.29 12.39 -12.56
N TYR A 201 -28.17 13.07 -12.75
CA TYR A 201 -28.11 14.55 -12.77
C TYR A 201 -28.25 15.17 -14.16
N LEU A 202 -28.51 14.36 -15.19
CA LEU A 202 -28.82 14.87 -16.57
C LEU A 202 -30.36 15.15 -16.57
N ASP A 203 -30.71 16.38 -16.90
CA ASP A 203 -32.11 16.62 -17.22
C ASP A 203 -32.50 16.01 -18.59
N PRO A 204 -33.74 16.07 -19.03
CA PRO A 204 -34.11 15.38 -20.24
C PRO A 204 -33.34 15.87 -21.49
N ALA A 205 -33.07 17.15 -21.54
CA ALA A 205 -32.32 17.74 -22.71
C ALA A 205 -30.91 17.22 -22.62
N GLN A 206 -30.32 17.33 -21.44
CA GLN A 206 -28.89 16.80 -21.24
C GLN A 206 -28.87 15.32 -21.51
N ARG A 207 -29.83 14.55 -21.05
CA ARG A 207 -29.77 13.11 -21.30
C ARG A 207 -29.78 12.78 -22.83
N ALA A 208 -30.64 13.48 -23.59
CA ALA A 208 -30.63 13.37 -25.09
C ALA A 208 -29.26 13.68 -25.68
N ALA A 209 -28.66 14.74 -25.19
CA ALA A 209 -27.40 15.27 -25.77
C ALA A 209 -26.23 14.31 -25.42
N ALA A 210 -26.35 13.66 -24.25
CA ALA A 210 -25.24 12.84 -23.72
C ALA A 210 -24.99 11.61 -24.57
N VAL A 211 -25.88 11.19 -25.43
CA VAL A 211 -25.57 10.06 -26.36
C VAL A 211 -24.37 10.46 -27.19
N ALA A 212 -24.04 11.74 -27.31
CA ALA A 212 -22.94 12.09 -28.23
C ALA A 212 -21.57 11.48 -27.78
N LEU A 213 -21.38 11.26 -26.47
CA LEU A 213 -20.10 10.67 -26.06
C LEU A 213 -19.94 9.30 -26.68
N SER A 214 -20.90 8.37 -26.50
CA SER A 214 -20.77 7.05 -27.05
C SER A 214 -20.79 7.05 -28.58
N ALA A 215 -21.61 7.87 -29.20
CA ALA A 215 -21.78 7.89 -30.66
C ALA A 215 -20.40 8.41 -31.16
N ALA A 216 -19.79 9.38 -30.49
CA ALA A 216 -18.47 9.93 -30.95
C ALA A 216 -17.43 8.79 -30.88
N LEU A 217 -17.41 8.03 -29.77
CA LEU A 217 -16.37 6.99 -29.55
C LEU A 217 -16.58 5.93 -30.59
N THR A 218 -17.83 5.40 -30.81
CA THR A 218 -18.03 4.31 -31.71
C THR A 218 -17.86 4.79 -33.14
N ALA A 219 -18.08 6.05 -33.48
CA ALA A 219 -17.76 6.53 -34.87
C ALA A 219 -16.22 6.47 -34.97
N ALA A 220 -15.51 6.89 -33.95
CA ALA A 220 -14.04 7.00 -34.02
C ALA A 220 -13.56 5.58 -34.22
N ALA A 221 -14.13 4.56 -33.54
CA ALA A 221 -13.53 3.19 -33.62
C ALA A 221 -13.61 2.66 -35.05
N HIS A 222 -14.67 3.04 -35.77
CA HIS A 222 -14.87 2.58 -37.13
C HIS A 222 -14.08 3.40 -38.09
N ALA A 223 -14.02 4.70 -37.84
CA ALA A 223 -13.14 5.66 -38.64
C ALA A 223 -11.70 5.22 -38.63
N ALA A 224 -11.31 4.45 -37.64
CA ALA A 224 -9.83 4.26 -37.33
C ALA A 224 -9.15 3.46 -38.42
N THR A 225 -9.90 2.79 -39.27
CA THR A 225 -9.28 2.11 -40.44
C THR A 225 -8.52 3.15 -41.22
N ALA A 226 -8.91 4.38 -41.16
CA ALA A 226 -8.32 5.45 -41.95
C ALA A 226 -7.23 6.20 -41.16
N GLY A 227 -7.01 5.79 -39.92
CA GLY A 227 -5.83 6.32 -39.14
C GLY A 227 -6.27 7.09 -37.93
N ALA A 228 -5.32 7.55 -37.13
CA ALA A 228 -5.63 8.23 -35.85
C ALA A 228 -6.27 9.56 -36.09
N GLN A 229 -5.81 10.36 -37.06
CA GLN A 229 -6.43 11.64 -37.24
C GLN A 229 -7.91 11.55 -37.64
N ALA A 230 -8.25 10.55 -38.46
CA ALA A 230 -9.62 10.42 -38.96
C ALA A 230 -10.42 9.99 -37.77
N ALA A 231 -9.90 9.07 -36.99
CA ALA A 231 -10.67 8.60 -35.75
C ALA A 231 -10.99 9.78 -34.85
N LEU A 232 -9.97 10.57 -34.49
CA LEU A 232 -10.20 11.74 -33.59
C LEU A 232 -11.11 12.78 -34.23
N ASP A 233 -10.99 13.04 -35.54
CA ASP A 233 -11.80 14.10 -36.12
C ASP A 233 -13.21 13.60 -36.27
N ALA A 234 -13.45 12.29 -36.44
CA ALA A 234 -14.88 11.80 -36.49
C ALA A 234 -15.48 12.05 -35.10
N ALA A 235 -14.76 11.68 -34.08
CA ALA A 235 -15.31 11.86 -32.66
C ALA A 235 -15.56 13.29 -32.39
N ARG A 236 -14.62 14.15 -32.81
CA ARG A 236 -14.77 15.59 -32.57
C ARG A 236 -16.01 16.15 -33.27
N ALA A 237 -16.25 15.73 -34.51
CA ALA A 237 -17.39 16.16 -35.26
C ALA A 237 -18.66 15.81 -34.56
N VAL A 238 -18.78 14.60 -34.01
CA VAL A 238 -20.02 14.21 -33.36
C VAL A 238 -20.20 15.01 -32.06
N LEU A 239 -19.09 15.18 -31.33
CA LEU A 239 -19.20 15.99 -30.04
C LEU A 239 -19.59 17.45 -30.37
N ASP A 240 -19.04 17.97 -31.45
CA ASP A 240 -19.33 19.36 -31.87
C ASP A 240 -20.75 19.54 -32.36
N ALA A 241 -21.40 18.49 -32.86
CA ALA A 241 -22.78 18.61 -33.37
C ALA A 241 -23.73 18.54 -32.21
N ALA A 242 -23.23 18.31 -30.99
CA ALA A 242 -24.17 17.99 -29.88
C ALA A 242 -24.45 19.21 -29.05
N PRO A 243 -25.77 19.49 -28.80
CA PRO A 243 -26.13 20.66 -28.00
C PRO A 243 -25.65 20.62 -26.57
N GLY A 244 -24.86 21.60 -26.18
CA GLY A 244 -24.57 21.79 -24.75
C GLY A 244 -23.59 20.78 -24.18
N VAL A 245 -22.86 20.12 -25.06
CA VAL A 245 -21.74 19.27 -24.57
C VAL A 245 -20.43 20.08 -24.58
N ALA A 246 -19.78 20.25 -23.44
CA ALA A 246 -18.49 20.99 -23.37
C ALA A 246 -17.41 19.97 -23.13
N VAL A 247 -16.58 19.79 -24.13
CA VAL A 247 -15.50 18.80 -23.97
C VAL A 247 -14.35 19.27 -23.09
N ASP A 248 -14.08 18.50 -22.04
N ASP A 248 -13.96 18.46 -22.10
CA ASP A 248 -12.88 18.63 -21.25
CA ASP A 248 -12.77 18.70 -21.28
C ASP A 248 -11.73 18.17 -22.11
C ASP A 248 -11.53 18.08 -21.89
N TYR A 249 -11.64 16.85 -22.37
CA TYR A 249 -10.57 16.30 -23.20
C TYR A 249 -11.08 15.19 -24.09
N LEU A 250 -10.38 14.99 -25.20
CA LEU A 250 -10.61 13.82 -26.09
C LEU A 250 -9.21 13.38 -26.47
N GLU A 251 -8.81 12.21 -26.00
CA GLU A 251 -7.42 11.74 -26.14
C GLU A 251 -7.36 10.34 -26.50
N LEU A 252 -6.49 10.07 -27.49
CA LEU A 252 -6.23 8.75 -27.93
C LEU A 252 -4.85 8.34 -27.42
N ARG A 253 -4.76 7.29 -26.65
CA ARG A 253 -3.44 6.91 -26.07
C ARG A 253 -3.24 5.44 -26.30
N ASP A 254 -2.04 4.97 -26.02
CA ASP A 254 -1.81 3.57 -25.93
C ASP A 254 -2.65 2.92 -24.85
N ILE A 255 -2.90 1.61 -24.92
CA ILE A 255 -3.81 0.94 -23.91
C ILE A 255 -3.35 1.04 -22.48
N GLY A 256 -2.05 1.13 -22.21
CA GLY A 256 -1.69 1.26 -20.84
C GLY A 256 -1.68 2.69 -20.36
N LEU A 257 -1.93 3.68 -21.26
CA LEU A 257 -1.96 5.09 -20.95
C LEU A 257 -0.64 5.56 -20.42
N GLY A 258 0.38 4.69 -20.56
CA GLY A 258 1.77 4.93 -19.99
C GLY A 258 2.62 5.72 -20.99
N PRO A 259 3.92 5.85 -20.70
CA PRO A 259 4.79 6.66 -21.50
C PRO A 259 5.28 5.95 -22.73
N MET A 260 4.36 5.55 -23.57
CA MET A 260 4.71 4.92 -24.83
C MET A 260 3.74 5.38 -25.90
N PRO A 261 4.26 5.53 -27.12
CA PRO A 261 3.43 6.01 -28.20
C PRO A 261 2.35 4.99 -28.56
N LEU A 262 1.28 5.49 -29.15
CA LEU A 262 0.25 4.60 -29.70
C LEU A 262 0.89 3.71 -30.77
N ASN A 263 0.63 2.41 -30.72
CA ASN A 263 0.90 1.55 -31.89
C ASN A 263 -0.40 1.09 -32.59
N GLY A 264 -0.62 -0.22 -32.58
CA GLY A 264 -1.82 -0.79 -33.21
C GLY A 264 -3.04 -0.71 -32.30
N SER A 265 -2.83 -0.71 -30.99
CA SER A 265 -3.99 -0.80 -30.04
C SER A 265 -4.00 0.38 -29.14
N GLY A 266 -5.13 1.06 -29.13
CA GLY A 266 -5.27 2.31 -28.47
C GLY A 266 -6.52 2.35 -27.57
N ARG A 267 -6.56 3.39 -26.74
CA ARG A 267 -7.84 3.68 -26.03
C ARG A 267 -8.12 5.10 -26.26
N LEU A 268 -9.40 5.38 -26.63
CA LEU A 268 -9.84 6.71 -26.85
C LEU A 268 -10.68 7.13 -25.65
N LEU A 269 -10.30 8.18 -25.02
CA LEU A 269 -10.97 8.63 -23.74
C LEU A 269 -11.60 9.92 -23.94
N VAL A 270 -12.81 10.11 -23.43
CA VAL A 270 -13.50 11.40 -23.50
C VAL A 270 -14.00 11.83 -22.10
N ALA A 271 -13.97 13.11 -21.79
CA ALA A 271 -14.66 13.62 -20.63
C ALA A 271 -15.29 14.90 -21.07
N ALA A 272 -16.57 15.11 -20.67
CA ALA A 272 -17.32 16.26 -21.17
C ALA A 272 -18.30 16.70 -20.12
N ARG A 273 -18.66 17.98 -20.14
CA ARG A 273 -19.60 18.47 -19.07
C ARG A 273 -20.89 18.77 -19.77
N LEU A 274 -21.99 18.32 -19.18
CA LEU A 274 -23.29 18.63 -19.62
C LEU A 274 -23.93 19.39 -18.47
N GLY A 275 -23.93 20.73 -18.59
CA GLY A 275 -24.35 21.53 -17.37
C GLY A 275 -23.28 21.35 -16.32
N THR A 276 -23.66 20.94 -15.10
CA THR A 276 -22.63 20.75 -14.11
C THR A 276 -22.09 19.29 -14.03
N THR A 277 -22.76 18.41 -14.79
CA THR A 277 -22.44 16.95 -14.75
C THR A 277 -21.27 16.58 -15.64
N ARG A 278 -20.22 16.04 -15.05
CA ARG A 278 -19.10 15.63 -15.89
C ARG A 278 -19.21 14.11 -16.21
N LEU A 279 -19.26 13.79 -17.49
CA LEU A 279 -19.43 12.40 -17.98
C LEU A 279 -18.10 11.95 -18.54
N LEU A 280 -17.80 10.71 -18.31
CA LEU A 280 -16.65 9.99 -18.89
C LEU A 280 -17.10 8.87 -19.76
N ASP A 281 -16.28 8.55 -20.81
CA ASP A 281 -16.43 7.32 -21.57
C ASP A 281 -15.14 7.01 -22.27
N ASN A 282 -15.02 5.80 -22.72
CA ASN A 282 -13.81 5.38 -23.47
C ASN A 282 -14.11 4.15 -24.29
N ILE A 283 -13.21 3.89 -25.31
CA ILE A 283 -13.40 2.74 -26.13
C ILE A 283 -12.08 2.22 -26.59
N ALA A 284 -12.07 0.93 -26.86
CA ALA A 284 -10.86 0.31 -27.54
C ALA A 284 -10.81 0.80 -28.95
N ILE A 285 -9.63 1.12 -29.43
CA ILE A 285 -9.42 1.54 -30.86
C ILE A 285 -8.30 0.69 -31.47
N GLU A 286 -8.57 0.14 -32.66
CA GLU A 286 -7.54 -0.54 -33.45
C GLU A 286 -7.21 0.34 -34.62
N ILE A 287 -5.94 0.62 -34.75
CA ILE A 287 -5.57 1.55 -35.77
C ILE A 287 -5.30 0.79 -37.09
N GLY A 288 -6.03 1.13 -38.17
CA GLY A 288 -5.77 0.56 -39.53
C GLY A 288 -6.13 -0.91 -39.52
N THR A 289 -5.16 -1.72 -39.99
CA THR A 289 -4.61 -2.93 -39.29
C THR A 289 -3.67 -3.61 -40.27
N MET B 1 0.84 -24.03 -11.32
CA MET B 1 2.11 -24.56 -11.85
C MET B 1 2.82 -25.26 -10.68
N ALA B 2 3.99 -25.85 -10.94
CA ALA B 2 4.75 -26.59 -9.93
C ALA B 2 5.46 -25.66 -8.89
N ILE B 3 5.27 -25.92 -7.59
CA ILE B 3 5.99 -25.18 -6.52
C ILE B 3 7.49 -25.35 -6.74
N PRO B 4 8.26 -24.25 -6.60
CA PRO B 4 9.71 -24.44 -6.63
C PRO B 4 10.22 -25.42 -5.62
N ALA B 5 11.35 -26.07 -5.90
CA ALA B 5 11.93 -26.97 -4.91
C ALA B 5 12.24 -26.26 -3.58
N PHE B 6 11.92 -26.95 -2.49
CA PHE B 6 12.18 -26.53 -1.10
C PHE B 6 12.65 -27.76 -0.36
N HIS B 7 13.85 -27.66 0.20
CA HIS B 7 14.45 -28.74 0.99
C HIS B 7 14.47 -28.35 2.42
N PRO B 8 13.58 -28.95 3.22
CA PRO B 8 13.50 -28.65 4.64
C PRO B 8 14.81 -28.87 5.33
N GLY B 9 15.15 -27.99 6.28
CA GLY B 9 16.35 -28.12 7.10
C GLY B 9 17.62 -27.68 6.39
N GLU B 10 17.53 -27.18 5.16
CA GLU B 10 18.74 -26.54 4.63
C GLU B 10 18.38 -25.14 4.17
N LEU B 11 19.41 -24.39 3.81
CA LEU B 11 19.21 -23.05 3.30
C LEU B 11 18.82 -23.01 1.84
N ASN B 12 17.55 -22.72 1.60
CA ASN B 12 17.05 -22.61 0.27
C ASN B 12 17.12 -21.16 -0.19
N VAL B 13 17.77 -20.92 -1.30
CA VAL B 13 17.94 -19.58 -1.77
C VAL B 13 17.10 -19.28 -3.00
N TYR B 14 16.25 -18.26 -2.96
CA TYR B 14 15.50 -17.84 -4.13
C TYR B 14 15.78 -16.40 -4.47
N SER B 15 15.93 -16.12 -5.74
CA SER B 15 15.98 -14.73 -6.21
C SER B 15 14.69 -14.18 -6.79
N ALA B 16 13.78 -15.05 -7.28
CA ALA B 16 12.59 -14.62 -7.99
C ALA B 16 11.52 -14.37 -6.97
N PRO B 17 10.92 -13.16 -6.97
CA PRO B 17 9.85 -12.93 -6.03
C PRO B 17 8.76 -14.00 -6.16
N GLY B 18 8.49 -14.47 -7.38
CA GLY B 18 7.41 -15.40 -7.51
C GLY B 18 7.74 -16.73 -6.92
N ASP B 19 9.01 -17.12 -6.94
CA ASP B 19 9.42 -18.33 -6.35
C ASP B 19 9.24 -18.33 -4.82
N VAL B 20 9.75 -17.29 -4.15
CA VAL B 20 9.61 -17.29 -2.67
C VAL B 20 8.10 -17.19 -2.27
N ALA B 21 7.33 -16.50 -3.11
CA ALA B 21 5.90 -16.24 -2.89
C ALA B 21 5.19 -17.61 -2.93
N ASP B 22 5.52 -18.41 -3.95
CA ASP B 22 4.95 -19.77 -4.03
C ASP B 22 5.39 -20.71 -2.94
N VAL B 23 6.68 -20.72 -2.60
CA VAL B 23 7.15 -21.56 -1.52
C VAL B 23 6.59 -21.18 -0.15
N SER B 24 6.49 -19.88 0.10
CA SER B 24 5.95 -19.38 1.40
C SER B 24 4.50 -19.85 1.44
N ARG B 25 3.76 -19.64 0.35
CA ARG B 25 2.35 -20.07 0.33
C ARG B 25 2.25 -21.58 0.54
N ALA B 26 3.09 -22.36 -0.13
CA ALA B 26 3.03 -23.81 0.12
C ALA B 26 3.33 -24.22 1.59
N LEU B 27 4.34 -23.59 2.21
CA LEU B 27 4.72 -23.88 3.58
C LEU B 27 3.63 -23.54 4.59
N ARG B 28 3.04 -22.38 4.40
CA ARG B 28 2.00 -21.91 5.29
C ARG B 28 0.83 -22.91 5.25
N LEU B 29 0.52 -23.42 4.06
CA LEU B 29 -0.58 -24.43 3.89
C LEU B 29 -0.24 -25.79 4.59
N THR B 30 1.05 -26.05 4.81
CA THR B 30 1.55 -27.26 5.48
C THR B 30 1.66 -27.18 7.02
N GLY B 31 1.15 -26.12 7.64
CA GLY B 31 1.35 -25.94 9.09
C GLY B 31 2.67 -25.27 9.54
N ARG B 32 3.26 -24.42 8.68
CA ARG B 32 4.41 -23.63 9.18
C ARG B 32 3.92 -22.20 9.41
N ARG B 33 4.58 -21.46 10.30
CA ARG B 33 4.27 -20.02 10.52
C ARG B 33 5.46 -19.31 9.88
N VAL B 34 5.19 -18.48 8.87
CA VAL B 34 6.31 -17.81 8.07
C VAL B 34 6.77 -16.58 8.80
N MET B 35 8.07 -16.54 9.15
CA MET B 35 8.68 -15.38 9.80
C MET B 35 9.59 -14.63 8.82
N LEU B 36 9.42 -13.37 8.71
CA LEU B 36 10.31 -12.57 7.75
C LEU B 36 11.25 -11.70 8.53
N VAL B 37 12.54 -11.80 8.21
CA VAL B 37 13.60 -10.91 8.71
C VAL B 37 14.21 -10.09 7.57
N PRO B 38 13.76 -8.87 7.40
CA PRO B 38 14.26 -8.10 6.20
C PRO B 38 15.70 -7.53 6.56
N THR B 39 16.60 -7.66 5.57
CA THR B 39 17.96 -7.08 5.83
C THR B 39 18.43 -6.47 4.53
N MET B 40 19.61 -5.83 4.70
CA MET B 40 20.27 -5.36 3.50
C MET B 40 21.62 -6.03 3.41
N GLY B 41 21.78 -7.25 3.94
CA GLY B 41 23.03 -8.03 3.81
C GLY B 41 24.08 -7.43 4.73
N ALA B 42 25.29 -7.97 4.67
CA ALA B 42 26.34 -7.58 5.60
C ALA B 42 25.91 -7.92 7.02
N LEU B 43 25.64 -9.19 7.24
CA LEU B 43 24.94 -9.51 8.47
C LEU B 43 25.80 -9.46 9.71
N HIS B 44 25.25 -8.93 10.79
CA HIS B 44 25.98 -8.84 12.06
C HIS B 44 25.18 -9.44 13.17
N GLU B 45 25.66 -9.35 14.41
CA GLU B 45 25.03 -10.10 15.51
C GLU B 45 23.60 -9.58 15.79
N GLY B 46 23.35 -8.35 15.44
CA GLY B 46 22.01 -7.75 15.55
C GLY B 46 21.06 -8.53 14.63
N HIS B 47 21.45 -8.79 13.39
CA HIS B 47 20.58 -9.62 12.49
C HIS B 47 20.43 -11.03 13.06
N LEU B 48 21.48 -11.60 13.66
CA LEU B 48 21.39 -12.96 14.21
C LEU B 48 20.36 -12.95 15.31
N ALA B 49 20.30 -11.84 16.06
CA ALA B 49 19.39 -11.78 17.17
C ALA B 49 17.93 -11.71 16.59
N LEU B 50 17.73 -10.99 15.48
CA LEU B 50 16.38 -11.05 14.78
C LEU B 50 16.05 -12.48 14.40
N VAL B 51 17.02 -13.20 13.79
CA VAL B 51 16.77 -14.58 13.37
C VAL B 51 16.40 -15.46 14.57
N ARG B 52 17.14 -15.34 15.66
CA ARG B 52 16.91 -16.22 16.83
C ARG B 52 15.54 -15.91 17.35
N ALA B 53 15.16 -14.64 17.34
CA ALA B 53 13.79 -14.31 17.81
C ALA B 53 12.72 -14.99 16.94
N ALA B 54 12.90 -14.93 15.64
CA ALA B 54 11.97 -15.58 14.69
C ALA B 54 11.95 -17.11 14.87
N LYS B 55 13.12 -17.72 15.05
CA LYS B 55 13.20 -19.18 15.18
C LYS B 55 12.52 -19.70 16.42
N ARG B 56 12.33 -18.86 17.42
CA ARG B 56 11.76 -19.23 18.73
C ARG B 56 10.28 -19.55 18.59
N VAL B 57 9.62 -18.96 17.59
CA VAL B 57 8.16 -19.20 17.36
C VAL B 57 7.93 -20.67 16.93
N PRO B 58 7.14 -21.43 17.71
CA PRO B 58 6.96 -22.81 17.28
C PRO B 58 6.31 -22.97 15.92
N GLY B 59 6.89 -23.88 15.13
CA GLY B 59 6.40 -24.05 13.77
C GLY B 59 6.97 -23.10 12.74
N SER B 60 7.93 -22.30 13.21
CA SER B 60 8.45 -21.21 12.33
C SER B 60 9.19 -21.79 11.14
N VAL B 61 9.12 -21.07 10.00
CA VAL B 61 10.14 -21.24 8.93
C VAL B 61 10.58 -19.77 8.77
N VAL B 62 11.88 -19.56 8.78
CA VAL B 62 12.44 -18.18 8.74
C VAL B 62 12.85 -17.81 7.35
N VAL B 63 12.32 -16.69 6.89
CA VAL B 63 12.74 -16.15 5.57
C VAL B 63 13.60 -14.93 5.89
N VAL B 64 14.90 -14.90 5.48
CA VAL B 64 15.68 -13.67 5.61
C VAL B 64 15.81 -13.09 4.22
N SER B 65 15.32 -11.86 4.03
CA SER B 65 15.53 -11.15 2.76
C SER B 65 16.83 -10.37 2.84
N ILE B 66 17.50 -10.40 1.68
CA ILE B 66 18.67 -9.55 1.57
C ILE B 66 18.45 -8.73 0.29
N PHE B 67 18.30 -7.47 0.49
CA PHE B 67 18.07 -6.54 -0.62
C PHE B 67 18.53 -5.15 -0.27
N VAL B 68 19.35 -4.58 -1.15
CA VAL B 68 19.77 -3.20 -0.94
C VAL B 68 18.89 -2.32 -1.79
N ASN B 69 18.16 -1.45 -1.12
CA ASN B 69 17.13 -0.65 -1.75
C ASN B 69 17.77 0.63 -2.29
N PRO B 70 17.92 0.76 -3.64
CA PRO B 70 18.77 1.84 -4.16
C PRO B 70 18.11 3.23 -4.16
N THR B 85 28.95 -9.34 2.28
CA THR B 85 29.20 -10.12 1.04
C THR B 85 28.22 -11.30 0.95
N PRO B 86 27.79 -11.69 -0.28
CA PRO B 86 26.73 -12.71 -0.41
C PRO B 86 27.08 -14.00 0.30
N ASP B 87 28.29 -14.49 0.03
CA ASP B 87 28.78 -15.79 0.46
C ASP B 87 28.82 -15.91 1.96
N ASP B 88 29.41 -14.89 2.57
CA ASP B 88 29.48 -14.88 4.02
C ASP B 88 28.10 -14.73 4.66
N ASP B 89 27.24 -13.91 4.09
CA ASP B 89 25.86 -13.76 4.71
C ASP B 89 25.18 -15.12 4.72
N LEU B 90 25.11 -15.73 3.56
CA LEU B 90 24.47 -17.05 3.45
C LEU B 90 25.05 -18.13 4.39
N ALA B 91 26.39 -18.15 4.54
CA ALA B 91 26.99 -19.08 5.50
C ALA B 91 26.53 -18.83 6.92
N GLN B 92 26.40 -17.56 7.30
CA GLN B 92 25.90 -17.23 8.66
C GLN B 92 24.46 -17.72 8.77
N LEU B 93 23.73 -17.57 7.68
CA LEU B 93 22.32 -18.01 7.75
C LEU B 93 22.15 -19.54 7.91
N ARG B 94 22.97 -20.29 7.14
CA ARG B 94 23.12 -21.74 7.25
C ARG B 94 23.49 -22.08 8.68
N ALA B 95 24.43 -21.31 9.26
CA ALA B 95 24.90 -21.59 10.61
C ALA B 95 23.77 -21.42 11.66
N GLU B 96 22.79 -20.55 11.36
CA GLU B 96 21.67 -20.29 12.26
C GLU B 96 20.48 -21.18 12.03
N GLY B 97 20.56 -22.06 11.05
CA GLY B 97 19.43 -22.95 10.71
C GLY B 97 18.26 -22.27 9.98
N VAL B 98 18.54 -21.16 9.33
CA VAL B 98 17.55 -20.44 8.50
C VAL B 98 17.28 -21.25 7.25
N GLU B 99 15.99 -21.44 6.91
CA GLU B 99 15.71 -22.28 5.73
C GLU B 99 15.41 -21.58 4.44
N ILE B 100 15.19 -20.26 4.49
CA ILE B 100 14.90 -19.52 3.30
C ILE B 100 15.69 -18.20 3.24
N ALA B 101 16.39 -17.96 2.14
CA ALA B 101 17.00 -16.67 1.91
C ALA B 101 16.38 -16.15 0.61
N PHE B 102 15.90 -14.89 0.61
CA PHE B 102 15.34 -14.27 -0.58
C PHE B 102 16.29 -13.10 -1.03
N THR B 103 16.87 -13.27 -2.21
CA THR B 103 17.96 -12.39 -2.63
C THR B 103 17.62 -11.82 -4.00
N PRO B 104 16.60 -10.97 -4.12
CA PRO B 104 16.25 -10.50 -5.46
C PRO B 104 17.11 -9.41 -6.05
N THR B 105 17.18 -9.34 -7.39
CA THR B 105 17.79 -8.21 -7.97
C THR B 105 16.95 -6.98 -7.93
N THR B 106 17.57 -5.82 -8.17
CA THR B 106 16.80 -4.57 -8.21
C THR B 106 15.74 -4.66 -9.31
N ALA B 107 16.12 -5.18 -10.49
CA ALA B 107 15.16 -5.30 -11.56
C ALA B 107 13.96 -6.21 -11.25
N ALA B 108 14.18 -7.22 -10.41
CA ALA B 108 13.08 -8.18 -10.05
C ALA B 108 12.11 -7.48 -9.11
N MET B 109 12.65 -6.69 -8.21
CA MET B 109 11.77 -5.83 -7.31
C MET B 109 11.09 -4.71 -7.98
N TYR B 110 11.76 -4.12 -9.01
CA TYR B 110 11.22 -2.98 -9.70
C TYR B 110 11.18 -3.24 -11.24
N PRO B 111 10.43 -4.22 -11.69
CA PRO B 111 10.39 -4.63 -13.16
C PRO B 111 9.83 -3.50 -14.02
N ASP B 112 8.98 -2.66 -13.44
CA ASP B 112 8.45 -1.42 -14.04
C ASP B 112 9.13 -0.09 -13.66
N GLY B 113 10.28 -0.11 -13.01
CA GLY B 113 10.85 1.05 -12.44
C GLY B 113 10.11 1.59 -11.22
N LEU B 114 10.39 2.80 -10.82
CA LEU B 114 9.77 3.45 -9.69
C LEU B 114 8.45 3.98 -10.23
N ARG B 115 7.35 3.50 -9.63
CA ARG B 115 6.07 3.92 -10.15
C ARG B 115 5.13 4.17 -8.92
N THR B 116 4.25 3.19 -8.53
CA THR B 116 3.43 3.44 -7.27
C THR B 116 4.40 3.25 -6.09
N THR B 117 4.30 4.16 -5.14
CA THR B 117 5.18 4.09 -3.98
C THR B 117 4.31 4.37 -2.73
N VAL B 118 4.89 4.17 -1.59
CA VAL B 118 4.28 4.49 -0.31
C VAL B 118 4.67 5.87 0.12
N GLN B 119 3.69 6.70 0.49
CA GLN B 119 3.95 8.01 1.05
C GLN B 119 3.70 7.91 2.58
N PRO B 120 4.74 7.97 3.41
CA PRO B 120 4.60 7.94 4.87
C PRO B 120 3.81 9.17 5.34
N GLY B 121 3.27 9.00 6.55
CA GLY B 121 2.67 10.15 7.31
C GLY B 121 3.75 11.18 7.71
N PRO B 122 3.33 12.28 8.34
CA PRO B 122 4.24 13.40 8.60
C PRO B 122 5.43 13.05 9.55
N LEU B 123 5.33 11.98 10.36
CA LEU B 123 6.46 11.58 11.17
C LEU B 123 7.68 11.38 10.30
N ALA B 124 7.52 10.98 9.04
CA ALA B 124 8.70 10.63 8.23
C ALA B 124 9.51 11.87 7.86
N ALA B 125 8.96 13.06 8.10
CA ALA B 125 9.63 14.37 7.82
C ALA B 125 10.47 14.82 9.02
N GLU B 126 10.18 14.26 10.18
CA GLU B 126 10.83 14.63 11.44
C GLU B 126 12.15 13.81 11.62
N LEU B 127 13.02 14.28 12.54
CA LEU B 127 14.11 13.43 13.02
C LEU B 127 15.04 12.96 11.86
N GLU B 128 15.14 11.67 11.56
CA GLU B 128 15.89 11.21 10.41
C GLU B 128 15.48 11.83 9.08
N GLY B 129 14.18 12.18 9.00
CA GLY B 129 13.56 12.76 7.80
C GLY B 129 14.12 14.15 7.46
N GLY B 130 14.91 14.72 8.37
CA GLY B 130 15.55 16.04 8.15
C GLY B 130 16.67 16.05 7.11
N PRO B 131 17.80 15.33 7.36
CA PRO B 131 18.76 15.21 6.27
C PRO B 131 18.32 14.23 5.15
N ARG B 132 17.37 13.33 5.42
CA ARG B 132 16.96 12.32 4.41
C ARG B 132 15.45 12.27 4.20
N PRO B 133 14.87 13.29 3.55
CA PRO B 133 13.45 13.56 3.29
C PRO B 133 12.58 12.45 2.65
N THR B 134 13.20 11.68 1.78
CA THR B 134 12.51 10.61 1.08
C THR B 134 12.96 9.22 1.52
N HIS B 135 13.87 9.14 2.52
CA HIS B 135 14.44 7.87 2.95
C HIS B 135 13.29 6.91 3.36
N PHE B 136 12.38 7.44 4.20
CA PHE B 136 11.46 6.48 4.73
C PHE B 136 10.40 6.03 3.68
N ALA B 137 10.08 6.85 2.68
CA ALA B 137 9.19 6.41 1.57
C ALA B 137 9.82 5.20 0.87
N GLY B 138 11.13 5.23 0.66
CA GLY B 138 11.82 4.06 0.16
C GLY B 138 11.79 2.80 0.99
N VAL B 139 12.14 2.97 2.27
CA VAL B 139 11.95 1.89 3.24
C VAL B 139 10.53 1.30 3.24
N LEU B 140 9.53 2.16 3.41
CA LEU B 140 8.18 1.65 3.49
C LEU B 140 7.72 0.98 2.23
N THR B 141 8.13 1.49 1.04
CA THR B 141 7.81 0.85 -0.19
C THR B 141 8.39 -0.58 -0.31
N VAL B 142 9.68 -0.80 0.02
N VAL B 142 9.68 -0.68 0.09
CA VAL B 142 10.20 -2.13 -0.13
CA VAL B 142 10.30 -1.94 0.04
C VAL B 142 9.75 -3.06 1.02
C VAL B 142 9.70 -2.94 0.96
N VAL B 143 9.46 -2.51 2.21
CA VAL B 143 8.96 -3.38 3.26
C VAL B 143 7.54 -3.82 2.81
N LEU B 144 6.75 -2.87 2.31
CA LEU B 144 5.43 -3.30 1.80
C LEU B 144 5.46 -4.44 0.80
N LYS B 145 6.36 -4.31 -0.20
CA LYS B 145 6.52 -5.28 -1.23
C LYS B 145 7.00 -6.60 -0.68
N LEU B 146 8.03 -6.54 0.17
CA LEU B 146 8.45 -7.79 0.90
C LEU B 146 7.28 -8.53 1.66
N LEU B 147 6.44 -7.72 2.36
CA LEU B 147 5.38 -8.36 3.09
C LEU B 147 4.36 -8.92 2.12
N GLN B 148 4.20 -8.36 0.93
CA GLN B 148 3.19 -8.90 0.00
C GLN B 148 3.74 -10.13 -0.72
N ILE B 149 5.07 -10.15 -0.98
CA ILE B 149 5.71 -11.28 -1.65
C ILE B 149 5.70 -12.48 -0.69
N VAL B 150 6.18 -12.27 0.55
CA VAL B 150 6.44 -13.37 1.48
C VAL B 150 5.18 -13.70 2.28
N ARG B 151 4.29 -12.71 2.50
CA ARG B 151 3.05 -12.88 3.36
C ARG B 151 3.36 -13.59 4.71
N PRO B 152 4.26 -13.03 5.53
CA PRO B 152 4.63 -13.63 6.76
C PRO B 152 3.63 -13.47 7.77
N ASP B 153 3.64 -14.40 8.72
CA ASP B 153 2.82 -14.11 9.93
C ASP B 153 3.37 -13.04 10.83
N ARG B 154 4.70 -12.95 11.00
CA ARG B 154 5.38 -11.95 11.82
C ARG B 154 6.60 -11.43 11.00
N VAL B 155 6.92 -10.17 11.20
CA VAL B 155 8.12 -9.55 10.57
C VAL B 155 8.88 -8.94 11.71
N PHE B 156 10.23 -9.04 11.70
CA PHE B 156 11.10 -8.70 12.81
C PHE B 156 12.02 -7.56 12.37
N PHE B 157 12.10 -6.61 13.24
CA PHE B 157 12.99 -5.47 13.07
C PHE B 157 13.69 -5.16 14.37
N GLY B 158 14.94 -4.63 14.30
CA GLY B 158 15.61 -4.17 15.47
C GLY B 158 15.04 -2.82 15.98
N GLU B 159 15.20 -2.55 17.28
CA GLU B 159 14.72 -1.29 17.80
C GLU B 159 15.72 -0.16 17.56
N LYS B 160 16.90 -0.47 16.96
CA LYS B 160 17.84 0.67 16.80
C LYS B 160 17.31 1.79 15.90
N ASP B 161 16.62 1.40 14.82
CA ASP B 161 16.11 2.37 13.88
C ASP B 161 14.69 2.50 14.36
N TYR B 162 14.55 3.22 15.46
CA TYR B 162 13.25 3.25 16.13
C TYR B 162 12.17 4.02 15.36
N GLN B 163 12.49 5.16 14.75
CA GLN B 163 11.60 5.87 13.91
C GLN B 163 11.10 5.00 12.74
N GLN B 164 12.01 4.27 12.09
CA GLN B 164 11.65 3.31 11.08
C GLN B 164 10.68 2.32 11.54
N LEU B 165 10.89 1.75 12.70
CA LEU B 165 9.98 0.72 13.33
C LEU B 165 8.59 1.34 13.52
N VAL B 166 8.56 2.52 14.12
CA VAL B 166 7.24 3.18 14.28
C VAL B 166 6.53 3.42 12.97
N LEU B 167 7.29 3.90 11.98
CA LEU B 167 6.74 4.10 10.62
C LEU B 167 6.19 2.79 10.04
N ILE B 168 6.94 1.69 10.19
N ILE B 168 6.89 1.66 10.21
CA ILE B 168 6.42 0.35 9.82
CA ILE B 168 6.34 0.36 9.75
C ILE B 168 5.10 0.04 10.52
C ILE B 168 5.10 -0.10 10.56
N ARG B 169 5.04 0.25 11.86
CA ARG B 169 3.76 -0.08 12.57
C ARG B 169 2.63 0.84 12.04
N GLN B 170 2.94 2.07 11.62
CA GLN B 170 1.89 2.97 11.02
C GLN B 170 1.47 2.41 9.66
N LEU B 171 2.41 1.96 8.84
CA LEU B 171 2.11 1.31 7.55
C LEU B 171 1.20 0.13 7.75
N VAL B 172 1.48 -0.72 8.73
CA VAL B 172 0.71 -1.96 8.97
C VAL B 172 -0.70 -1.52 9.40
N ALA B 173 -0.81 -0.58 10.32
CA ALA B 173 -2.17 -0.10 10.77
C ALA B 173 -2.93 0.54 9.66
N ASP B 174 -2.28 1.46 8.94
CA ASP B 174 -2.95 2.26 7.98
C ASP B 174 -3.44 1.59 6.71
N PHE B 175 -2.67 0.55 6.31
CA PHE B 175 -3.11 -0.20 5.18
C PHE B 175 -3.72 -1.55 5.55
N ASN B 176 -4.02 -1.74 6.87
CA ASN B 176 -4.73 -2.95 7.30
C ASN B 176 -4.05 -4.26 6.96
N LEU B 177 -2.70 -4.20 7.08
CA LEU B 177 -1.95 -5.41 6.79
C LEU B 177 -2.10 -6.47 7.90
N ASP B 178 -2.04 -7.72 7.41
N ASP B 178 -2.09 -7.76 7.57
CA ASP B 178 -2.29 -8.85 8.32
CA ASP B 178 -2.45 -8.71 8.69
C ASP B 178 -0.96 -9.52 8.73
C ASP B 178 -1.24 -9.23 9.56
N VAL B 179 -0.07 -8.71 9.28
CA VAL B 179 1.25 -9.18 9.80
C VAL B 179 1.43 -8.61 11.20
N ALA B 180 2.08 -9.36 12.08
CA ALA B 180 2.50 -8.89 13.42
C ALA B 180 3.87 -8.29 13.32
N VAL B 181 4.03 -7.07 13.74
CA VAL B 181 5.33 -6.40 13.77
C VAL B 181 6.01 -6.64 15.09
N VAL B 182 7.22 -7.21 15.05
CA VAL B 182 7.96 -7.58 16.28
C VAL B 182 9.24 -6.75 16.33
N GLY B 183 9.36 -5.92 17.34
CA GLY B 183 10.61 -5.15 17.59
C GLY B 183 11.47 -5.91 18.54
N VAL B 184 12.77 -6.06 18.21
CA VAL B 184 13.72 -6.80 18.98
C VAL B 184 14.75 -5.83 19.58
N PRO B 185 15.01 -5.91 20.89
CA PRO B 185 15.92 -4.98 21.56
C PRO B 185 17.29 -4.94 20.82
N THR B 186 17.88 -3.72 20.74
CA THR B 186 19.09 -3.54 19.96
C THR B 186 20.25 -4.33 20.62
N VAL B 187 20.99 -5.07 19.81
CA VAL B 187 22.17 -5.71 20.28
C VAL B 187 23.25 -4.59 20.35
N ARG B 188 24.08 -4.71 21.38
CA ARG B 188 25.08 -3.66 21.71
C ARG B 188 26.42 -4.32 21.91
N GLU B 189 27.45 -3.55 21.52
CA GLU B 189 28.86 -3.90 21.91
C GLU B 189 29.01 -3.89 23.43
N ALA B 190 30.14 -4.38 23.95
CA ALA B 190 30.30 -4.56 25.35
C ALA B 190 30.26 -3.25 26.16
N ASP B 191 30.63 -2.11 25.56
CA ASP B 191 30.54 -0.82 26.25
C ASP B 191 29.25 -0.12 26.01
N GLY B 192 28.33 -0.81 25.29
CA GLY B 192 27.01 -0.29 25.05
C GLY B 192 26.73 0.36 23.70
N LEU B 193 27.75 0.59 22.88
CA LEU B 193 27.58 1.16 21.54
C LEU B 193 26.62 0.25 20.69
N ALA B 194 25.51 0.83 20.23
CA ALA B 194 24.58 0.04 19.45
C ALA B 194 25.25 -0.54 18.20
N MET B 195 25.00 -1.81 17.94
CA MET B 195 25.57 -2.42 16.73
C MET B 195 25.17 -1.71 15.45
N SER B 196 26.15 -1.55 14.55
CA SER B 196 25.92 -0.86 13.30
C SER B 196 27.01 -1.20 12.36
N SER B 197 26.60 -1.40 11.11
N SER B 197 26.60 -1.35 11.11
CA SER B 197 27.52 -1.42 9.99
CA SER B 197 27.52 -1.47 10.00
C SER B 197 28.53 -0.28 10.05
C SER B 197 28.38 -0.20 9.76
N ARG B 198 28.03 0.91 10.41
CA ARG B 198 28.96 2.13 10.40
C ARG B 198 30.11 2.16 11.44
N ASN B 199 30.07 1.31 12.48
CA ASN B 199 30.94 1.43 13.62
C ASN B 199 32.39 1.14 13.21
N ARG B 200 32.52 0.39 12.13
CA ARG B 200 33.86 0.01 11.69
C ARG B 200 34.58 1.16 11.01
N TYR B 201 33.86 2.21 10.68
CA TYR B 201 34.45 3.39 10.09
C TYR B 201 35.04 4.32 11.11
N LEU B 202 34.72 4.13 12.38
CA LEU B 202 35.22 5.08 13.37
C LEU B 202 36.70 4.82 13.63
N ASP B 203 37.50 5.87 13.71
CA ASP B 203 38.84 5.66 14.22
C ASP B 203 38.89 5.51 15.76
N PRO B 204 40.04 5.21 16.39
CA PRO B 204 39.98 4.87 17.78
C PRO B 204 39.41 6.05 18.66
N ALA B 205 39.80 7.31 18.39
CA ALA B 205 39.28 8.45 19.18
C ALA B 205 37.75 8.49 19.00
N GLN B 206 37.26 8.28 17.77
CA GLN B 206 35.85 8.47 17.43
C GLN B 206 35.15 7.30 18.10
N ARG B 207 35.75 6.14 18.05
CA ARG B 207 35.08 4.95 18.64
C ARG B 207 34.96 5.09 20.13
N ALA B 208 35.95 5.70 20.77
CA ALA B 208 35.88 5.93 22.22
C ALA B 208 34.78 6.98 22.52
N ALA B 209 34.71 8.01 21.72
CA ALA B 209 33.73 9.07 21.94
C ALA B 209 32.33 8.58 21.71
N ALA B 210 32.19 7.60 20.81
CA ALA B 210 30.85 7.11 20.42
C ALA B 210 30.06 6.46 21.57
N VAL B 211 30.72 5.90 22.51
N VAL B 211 30.78 6.15 22.63
CA VAL B 211 30.03 5.30 23.66
CA VAL B 211 30.28 5.46 23.85
C VAL B 211 29.13 6.41 24.27
C VAL B 211 29.37 6.44 24.51
N ALA B 212 29.47 7.73 24.19
CA ALA B 212 28.65 8.81 24.90
C ALA B 212 27.21 8.63 24.43
N LEU B 213 26.89 8.15 23.26
CA LEU B 213 25.41 8.10 22.87
C LEU B 213 24.72 7.12 23.82
N SER B 214 25.18 5.91 23.93
CA SER B 214 24.49 4.90 24.77
C SER B 214 24.64 5.37 26.23
N ALA B 215 25.79 5.97 26.62
CA ALA B 215 25.91 6.31 28.05
C ALA B 215 24.90 7.44 28.38
N ALA B 216 24.67 8.38 27.46
CA ALA B 216 23.74 9.55 27.71
C ALA B 216 22.41 8.89 27.85
N LEU B 217 22.05 7.96 27.00
CA LEU B 217 20.58 7.51 27.00
C LEU B 217 20.40 6.70 28.25
N THR B 218 21.37 5.86 28.66
CA THR B 218 21.12 4.99 29.87
CA THR B 218 21.08 5.02 29.83
C THR B 218 21.14 5.93 31.06
N ALA B 219 22.04 6.93 31.09
CA ALA B 219 21.98 7.91 32.26
C ALA B 219 20.60 8.57 32.31
N ALA B 220 20.06 8.95 31.18
CA ALA B 220 18.69 9.59 31.11
C ALA B 220 17.68 8.60 31.64
N ALA B 221 17.76 7.34 31.29
CA ALA B 221 16.70 6.38 31.68
C ALA B 221 16.68 6.31 33.18
N HIS B 222 17.83 6.41 33.85
CA HIS B 222 17.92 6.33 35.31
C HIS B 222 17.63 7.68 35.94
N ALA B 223 18.01 8.82 35.32
CA ALA B 223 17.71 10.11 35.84
C ALA B 223 16.22 10.40 35.87
N ALA B 224 15.48 9.63 35.03
CA ALA B 224 14.05 9.96 34.75
C ALA B 224 13.18 9.86 36.01
N THR B 225 13.63 9.16 37.03
CA THR B 225 12.88 9.23 38.34
C THR B 225 12.74 10.66 38.80
N ALA B 226 13.68 11.57 38.39
CA ALA B 226 13.65 12.99 38.78
C ALA B 226 12.86 13.88 37.77
N GLY B 227 12.29 13.24 36.76
CA GLY B 227 11.39 13.88 35.78
C GLY B 227 12.08 14.08 34.41
N ALA B 228 11.35 14.62 33.46
CA ALA B 228 11.78 14.63 32.03
C ALA B 228 12.92 15.59 31.86
N GLN B 229 12.86 16.71 32.54
CA GLN B 229 13.91 17.69 32.35
C GLN B 229 15.21 17.11 32.86
N ALA B 230 15.17 16.47 34.03
CA ALA B 230 16.44 15.83 34.56
C ALA B 230 16.96 14.82 33.56
N ALA B 231 16.12 14.05 32.93
CA ALA B 231 16.60 12.98 32.04
C ALA B 231 17.27 13.68 30.86
N LEU B 232 16.63 14.65 30.27
CA LEU B 232 17.20 15.37 29.08
C LEU B 232 18.50 16.02 29.49
N ASP B 233 18.58 16.65 30.67
CA ASP B 233 19.82 17.40 31.02
C ASP B 233 20.93 16.40 31.26
N ALA B 234 20.62 15.25 31.88
CA ALA B 234 21.67 14.22 32.09
C ALA B 234 22.20 13.75 30.78
N ALA B 235 21.35 13.50 29.82
CA ALA B 235 21.84 12.97 28.52
C ALA B 235 22.63 14.09 27.89
N ARG B 236 22.17 15.32 27.97
CA ARG B 236 22.96 16.42 27.30
C ARG B 236 24.31 16.48 27.94
N ALA B 237 24.43 16.36 29.26
CA ALA B 237 25.77 16.57 29.95
C ALA B 237 26.66 15.46 29.47
N VAL B 238 26.20 14.21 29.36
CA VAL B 238 27.05 13.12 28.86
C VAL B 238 27.55 13.45 27.44
N LEU B 239 26.65 13.80 26.55
CA LEU B 239 27.12 14.15 25.14
C LEU B 239 28.07 15.32 25.25
N ASP B 240 27.88 16.28 26.15
CA ASP B 240 28.79 17.51 26.22
C ASP B 240 30.12 17.04 26.74
N ALA B 241 30.33 15.86 27.33
CA ALA B 241 31.63 15.41 27.90
C ALA B 241 32.43 14.78 26.77
N ALA B 242 31.84 14.64 25.58
CA ALA B 242 32.51 13.93 24.47
C ALA B 242 33.04 14.92 23.43
N PRO B 243 34.32 14.66 23.04
CA PRO B 243 34.74 15.54 21.98
C PRO B 243 34.43 14.95 20.56
N GLY B 244 34.32 15.83 19.59
CA GLY B 244 34.01 15.53 18.20
C GLY B 244 32.73 14.72 17.98
N VAL B 245 31.75 15.02 18.83
CA VAL B 245 30.37 14.40 18.71
C VAL B 245 29.41 15.53 18.44
N ALA B 246 29.05 15.68 17.17
CA ALA B 246 28.14 16.77 16.81
C ALA B 246 26.71 16.27 16.84
N VAL B 247 26.00 16.69 17.88
CA VAL B 247 24.62 16.15 18.02
C VAL B 247 23.65 16.83 17.07
N ASP B 248 22.93 15.99 16.34
CA ASP B 248 21.92 16.49 15.41
C ASP B 248 20.59 16.73 16.11
N TYR B 249 20.18 15.76 16.94
CA TYR B 249 19.05 15.95 17.81
C TYR B 249 19.14 15.03 18.99
N LEU B 250 18.43 15.46 20.04
CA LEU B 250 18.24 14.66 21.29
C LEU B 250 16.79 15.01 21.71
N GLU B 251 15.93 14.03 21.52
CA GLU B 251 14.48 14.32 21.68
C GLU B 251 13.78 13.26 22.49
N LEU B 252 12.93 13.72 23.43
N LEU B 252 12.95 13.66 23.49
CA LEU B 252 12.11 12.86 24.23
CA LEU B 252 12.16 12.71 24.31
C LEU B 252 10.77 12.89 23.51
C LEU B 252 10.69 12.80 23.82
N ARG B 253 10.21 11.70 23.26
CA ARG B 253 8.89 11.61 22.62
C ARG B 253 8.08 10.52 23.31
N ASP B 254 6.76 10.47 22.99
CA ASP B 254 6.06 9.32 23.50
C ASP B 254 6.42 8.07 22.72
N ILE B 255 5.88 6.91 23.04
CA ILE B 255 6.44 5.72 22.41
C ILE B 255 6.10 5.68 20.91
N GLY B 256 5.01 6.35 20.48
CA GLY B 256 4.62 6.37 19.06
C GLY B 256 5.28 7.55 18.35
N LEU B 257 6.23 8.23 19.04
CA LEU B 257 6.91 9.44 18.56
C LEU B 257 6.12 10.72 18.39
N GLY B 258 4.90 10.69 18.94
CA GLY B 258 4.27 11.94 19.26
C GLY B 258 4.92 12.69 20.42
N PRO B 259 4.29 13.77 20.89
CA PRO B 259 4.82 14.55 22.01
C PRO B 259 4.76 13.74 23.29
N MET B 260 5.77 13.91 24.10
CA MET B 260 5.89 13.15 25.33
C MET B 260 4.77 13.58 26.26
N PRO B 261 3.99 12.61 26.77
CA PRO B 261 3.00 12.91 27.77
C PRO B 261 3.69 13.44 29.02
N LEU B 262 3.01 14.26 29.80
CA LEU B 262 3.62 14.78 31.02
C LEU B 262 4.12 13.67 31.96
N ASN B 263 3.28 12.64 32.14
CA ASN B 263 3.72 11.44 32.83
C ASN B 263 3.47 10.22 31.95
N GLY B 264 4.34 9.23 32.03
CA GLY B 264 4.17 7.96 31.30
C GLY B 264 5.45 7.49 30.60
N SER B 265 5.25 6.64 29.61
CA SER B 265 6.31 5.95 28.92
C SER B 265 6.71 6.79 27.72
N GLY B 266 7.98 6.65 27.34
CA GLY B 266 8.40 7.45 26.25
C GLY B 266 9.64 6.81 25.66
N ARG B 267 10.20 7.57 24.74
CA ARG B 267 11.43 7.10 24.06
C ARG B 267 12.29 8.33 23.89
N LEU B 268 13.61 8.14 24.20
CA LEU B 268 14.62 9.20 24.05
C LEU B 268 15.44 8.81 22.85
N LEU B 269 15.56 9.73 21.91
CA LEU B 269 16.31 9.42 20.65
C LEU B 269 17.40 10.43 20.51
N VAL B 270 18.56 9.91 20.00
CA VAL B 270 19.72 10.80 19.70
C VAL B 270 20.30 10.43 18.33
N ALA B 271 20.82 11.46 17.66
CA ALA B 271 21.63 11.20 16.46
C ALA B 271 22.80 12.17 16.49
N ALA B 272 24.00 11.70 16.02
CA ALA B 272 25.17 12.60 16.04
C ALA B 272 26.07 12.15 14.92
N ARG B 273 26.90 13.13 14.56
CA ARG B 273 27.91 12.90 13.51
C ARG B 273 29.25 12.89 14.16
N LEU B 274 30.06 11.83 13.91
CA LEU B 274 31.45 11.74 14.41
C LEU B 274 32.32 11.69 13.16
N GLY B 275 32.98 12.81 12.87
CA GLY B 275 33.70 12.95 11.54
C GLY B 275 32.64 12.84 10.46
N THR B 276 32.76 11.82 9.59
CA THR B 276 31.84 11.60 8.47
C THR B 276 30.76 10.53 8.75
N THR B 277 30.71 10.05 9.99
CA THR B 277 29.86 8.91 10.31
C THR B 277 28.70 9.36 11.16
N ARG B 278 27.50 9.00 10.73
CA ARG B 278 26.31 9.39 11.52
C ARG B 278 25.89 8.18 12.32
N LEU B 279 25.68 8.40 13.64
CA LEU B 279 25.31 7.33 14.56
C LEU B 279 23.98 7.68 15.17
N LEU B 280 23.23 6.62 15.46
CA LEU B 280 21.86 6.87 16.06
C LEU B 280 21.71 5.92 17.23
N ASP B 281 20.94 6.32 18.26
CA ASP B 281 20.61 5.35 19.34
C ASP B 281 19.32 5.88 19.93
N ASN B 282 18.64 4.96 20.68
CA ASN B 282 17.43 5.39 21.36
C ASN B 282 17.19 4.43 22.51
N ILE B 283 16.38 4.88 23.46
CA ILE B 283 16.07 4.02 24.67
C ILE B 283 14.65 4.35 25.15
N ALA B 284 14.10 3.29 25.83
CA ALA B 284 12.83 3.43 26.61
C ALA B 284 12.98 4.33 27.82
N ILE B 285 12.05 5.21 28.07
CA ILE B 285 12.19 6.10 29.23
C ILE B 285 10.82 6.05 29.96
N GLU B 286 10.82 6.00 31.30
CA GLU B 286 9.57 5.89 32.08
C GLU B 286 9.65 7.11 32.97
N ILE B 287 8.70 8.02 32.84
CA ILE B 287 8.88 9.31 33.53
C ILE B 287 8.43 9.30 34.98
N GLY B 288 9.40 9.50 35.90
CA GLY B 288 9.12 9.63 37.32
C GLY B 288 8.72 8.31 37.97
#